data_4GGC
#
_entry.id   4GGC
#
_cell.length_a   41.281
_cell.length_b   86.933
_cell.length_c   48.339
_cell.angle_alpha   90.000
_cell.angle_beta   112.970
_cell.angle_gamma   90.000
#
_symmetry.space_group_name_H-M   'P 1 21 1'
#
loop_
_entity.id
_entity.type
_entity.pdbx_description
1 polymer 'Cell division cycle protein 20 homolog'
2 non-polymer (4R)-2-METHYLPENTANE-2,4-DIOL
3 water water
#
_entity_poly.entity_id   1
_entity_poly.type   'polypeptide(L)'
_entity_poly.pdbx_seq_one_letter_code
;GSRKTCRYIPSLPDRILDAPEIRNDYYLNLVDWSSGNVLAVALDNSVYLWSASSGDILQLLQMEQPGEYISSVAWIKEGN
YLAVGTSSAEVQLWDVQQQKRLRNMTSHSARVGSLSWNSYILSSGSRSGHIHHHDVRVAEHHVATLSGHSQEVCGLRWAP
DGRHLASGGNDNLVNVWPSAPGEGGWVPLQTFTQHQGAVKAVAWCPWQSNVLATGGGTSDRHIRIWNVCSGACLSAVDAH
SQVCSILWSPHYKELISGHGFAQNQLVIWKYPTMAKVAELKGHTSRVLSLTMSPDGATVASAAADETLRLWRCFELDP
;
_entity_poly.pdbx_strand_id   A
#
# COMPACT_ATOMS: atom_id res chain seq x y z
N CYS A 6 4.95 -0.98 30.78
CA CYS A 6 4.38 0.35 30.68
C CYS A 6 3.55 0.49 29.40
N ARG A 7 3.92 -0.31 28.41
CA ARG A 7 3.27 -0.27 27.11
C ARG A 7 1.82 -0.72 27.23
N TYR A 8 0.92 0.11 26.74
CA TYR A 8 -0.46 -0.29 26.66
C TYR A 8 -0.91 -0.21 25.22
N ILE A 9 -1.26 -1.38 24.68
CA ILE A 9 -1.77 -1.46 23.33
C ILE A 9 -3.24 -1.82 23.44
N PRO A 10 -4.13 -0.87 23.09
CA PRO A 10 -5.55 -1.21 23.20
C PRO A 10 -5.89 -2.42 22.34
N SER A 11 -6.80 -3.25 22.84
CA SER A 11 -7.21 -4.45 22.14
C SER A 11 -8.38 -4.22 21.19
N LEU A 12 -8.94 -3.02 21.19
CA LEU A 12 -10.01 -2.65 20.26
C LEU A 12 -9.61 -1.36 19.55
N PRO A 13 -10.16 -1.12 18.37
CA PRO A 13 -9.90 0.14 17.69
C PRO A 13 -10.45 1.32 18.48
N ASP A 14 -9.81 2.48 18.33
CA ASP A 14 -10.32 3.69 18.96
C ASP A 14 -11.51 4.27 18.21
N ARG A 15 -11.51 4.12 16.89
CA ARG A 15 -12.55 4.66 16.02
C ARG A 15 -12.80 3.70 14.88
N ILE A 16 -14.03 3.70 14.38
CA ILE A 16 -14.37 2.91 13.20
C ILE A 16 -15.09 3.82 12.22
N LEU A 17 -14.61 3.80 10.98
CA LEU A 17 -15.24 4.54 9.90
C LEU A 17 -16.00 3.56 9.02
N ASP A 18 -17.21 3.94 8.64
CA ASP A 18 -17.98 3.14 7.71
C ASP A 18 -17.37 3.20 6.32
N ALA A 19 -17.26 2.03 5.69
CA ALA A 19 -16.73 1.91 4.34
C ALA A 19 -17.72 1.16 3.46
N PRO A 20 -18.95 1.68 3.36
CA PRO A 20 -19.96 0.96 2.58
C PRO A 20 -19.53 0.77 1.14
N GLU A 21 -19.74 -0.42 0.62
CA GLU A 21 -19.47 -0.76 -0.77
C GLU A 21 -17.98 -0.80 -1.12
N ILE A 22 -17.10 -0.88 -0.13
CA ILE A 22 -15.70 -1.06 -0.45
C ILE A 22 -15.59 -2.33 -1.29
N ARG A 23 -14.77 -2.28 -2.33
CA ARG A 23 -14.68 -3.41 -3.26
C ARG A 23 -13.77 -4.49 -2.66
N ASN A 24 -14.34 -5.67 -2.43
CA ASN A 24 -13.60 -6.78 -1.84
C ASN A 24 -12.78 -7.52 -2.86
N ASP A 25 -11.83 -6.78 -3.43
CA ASP A 25 -10.91 -7.30 -4.43
C ASP A 25 -9.54 -7.17 -3.80
N TYR A 26 -8.92 -8.30 -3.56
CA TYR A 26 -7.69 -8.34 -2.79
C TYR A 26 -6.58 -7.49 -3.39
N TYR A 27 -6.54 -7.36 -4.72
CA TYR A 27 -5.36 -6.82 -5.38
C TYR A 27 -5.32 -5.30 -5.42
N LEU A 28 -6.42 -4.65 -5.03
CA LEU A 28 -6.52 -3.21 -5.09
C LEU A 28 -5.97 -2.55 -3.85
N ASN A 29 -5.61 -1.30 -3.97
CA ASN A 29 -5.00 -0.54 -2.88
C ASN A 29 -5.81 0.73 -2.66
N LEU A 30 -6.82 0.61 -1.80
CA LEU A 30 -7.95 1.53 -1.78
C LEU A 30 -7.94 2.60 -0.71
N VAL A 31 -6.92 2.62 0.14
CA VAL A 31 -6.86 3.59 1.23
C VAL A 31 -5.45 4.15 1.42
N ASP A 32 -5.35 5.44 1.79
CA ASP A 32 -4.06 6.02 2.09
C ASP A 32 -4.28 7.20 3.03
N TRP A 33 -3.39 7.37 3.98
CA TRP A 33 -3.47 8.42 5.00
C TRP A 33 -2.41 9.47 4.69
N SER A 34 -2.87 10.70 4.38
CA SER A 34 -1.95 11.75 3.95
C SER A 34 -1.13 12.35 5.09
N SER A 35 -0.07 13.04 4.70
CA SER A 35 0.78 13.79 5.62
C SER A 35 0.01 14.94 6.26
N GLY A 36 -1.09 15.36 5.65
CA GLY A 36 -1.98 16.35 6.23
C GLY A 36 -3.09 15.76 7.10
N ASN A 37 -2.97 14.48 7.42
CA ASN A 37 -3.89 13.81 8.33
C ASN A 37 -5.28 13.57 7.74
N VAL A 38 -5.33 13.31 6.44
CA VAL A 38 -6.59 13.02 5.74
C VAL A 38 -6.54 11.62 5.15
N LEU A 39 -7.54 10.81 5.48
CA LEU A 39 -7.66 9.49 4.86
C LEU A 39 -8.39 9.59 3.55
N ALA A 40 -7.83 9.01 2.50
CA ALA A 40 -8.53 8.83 1.23
C ALA A 40 -9.02 7.39 1.20
N VAL A 41 -10.31 7.22 0.90
CA VAL A 41 -10.95 5.93 0.92
C VAL A 41 -11.74 5.76 -0.37
N ALA A 42 -11.36 4.78 -1.19
CA ALA A 42 -12.10 4.49 -2.40
C ALA A 42 -13.21 3.48 -2.11
N LEU A 43 -14.45 3.90 -2.37
CA LEU A 43 -15.65 3.09 -2.16
C LEU A 43 -16.38 2.97 -3.48
N ASP A 44 -16.22 1.80 -4.08
CA ASP A 44 -16.78 1.50 -5.39
C ASP A 44 -16.32 2.51 -6.43
N ASN A 45 -17.20 3.41 -6.88
CA ASN A 45 -16.84 4.37 -7.92
C ASN A 45 -16.60 5.78 -7.39
N SER A 46 -16.45 5.94 -6.07
CA SER A 46 -16.22 7.25 -5.47
C SER A 46 -14.97 7.22 -4.60
N VAL A 47 -14.33 8.38 -4.46
CA VAL A 47 -13.32 8.56 -3.43
C VAL A 47 -13.81 9.57 -2.40
N TYR A 48 -13.74 9.17 -1.15
CA TYR A 48 -14.03 10.02 -0.01
C TYR A 48 -12.77 10.39 0.75
N LEU A 49 -12.74 11.62 1.21
CA LEU A 49 -11.69 12.11 2.09
C LEU A 49 -12.28 12.35 3.47
N TRP A 50 -11.58 11.91 4.50
CA TRP A 50 -12.00 12.11 5.88
C TRP A 50 -10.86 12.72 6.66
N SER A 51 -11.07 13.87 7.27
CA SER A 51 -10.03 14.45 8.10
C SER A 51 -10.03 13.82 9.50
N ALA A 52 -8.89 13.27 9.88
CA ALA A 52 -8.76 12.67 11.20
C ALA A 52 -8.77 13.71 12.32
N SER A 53 -8.52 14.96 11.99
CA SER A 53 -8.54 16.06 12.95
C SER A 53 -9.96 16.54 13.26
N SER A 54 -10.75 16.74 12.21
CA SER A 54 -12.05 17.38 12.35
C SER A 54 -13.22 16.42 12.17
N GLY A 55 -12.98 15.28 11.52
CA GLY A 55 -14.06 14.40 11.13
C GLY A 55 -14.84 14.87 9.90
N ASP A 56 -14.40 15.96 9.28
CA ASP A 56 -15.09 16.44 8.08
C ASP A 56 -14.84 15.48 6.92
N ILE A 57 -15.78 15.46 5.98
CA ILE A 57 -15.74 14.55 4.84
C ILE A 57 -15.96 15.32 3.55
N LEU A 58 -15.22 14.93 2.53
CA LEU A 58 -15.44 15.40 1.16
C LEU A 58 -15.61 14.19 0.24
N GLN A 59 -16.67 14.14 -0.54
CA GLN A 59 -16.74 13.22 -1.67
C GLN A 59 -15.95 13.87 -2.80
N LEU A 60 -14.70 13.44 -2.96
CA LEU A 60 -13.78 14.09 -3.88
C LEU A 60 -14.25 13.95 -5.32
N LEU A 61 -14.66 12.74 -5.70
CA LEU A 61 -15.00 12.43 -7.07
C LEU A 61 -15.90 11.21 -7.13
N GLN A 62 -16.59 11.07 -8.25
CA GLN A 62 -17.32 9.86 -8.62
C GLN A 62 -17.00 9.60 -10.09
N MET A 63 -16.72 8.33 -10.42
CA MET A 63 -16.50 7.95 -11.81
C MET A 63 -17.73 8.23 -12.65
N GLU A 64 -17.49 8.49 -13.92
CA GLU A 64 -18.55 8.96 -14.80
C GLU A 64 -19.15 7.90 -15.74
N GLN A 65 -18.48 6.77 -15.94
CA GLN A 65 -18.97 5.78 -16.90
C GLN A 65 -19.54 4.55 -16.18
N PRO A 66 -20.51 3.88 -16.81
CA PRO A 66 -21.03 2.63 -16.24
C PRO A 66 -19.92 1.60 -16.00
N GLY A 67 -19.99 0.94 -14.86
CA GLY A 67 -19.09 -0.15 -14.53
C GLY A 67 -17.75 0.29 -13.99
N GLU A 68 -17.40 1.57 -14.10
CA GLU A 68 -16.09 2.05 -13.65
C GLU A 68 -15.98 2.05 -12.14
N TYR A 69 -14.79 1.69 -11.65
CA TYR A 69 -14.54 1.73 -10.22
C TYR A 69 -13.12 2.19 -10.01
N ILE A 70 -12.85 2.65 -8.78
CA ILE A 70 -11.53 3.08 -8.38
C ILE A 70 -10.73 1.86 -8.00
N SER A 71 -9.50 1.77 -8.50
CA SER A 71 -8.65 0.63 -8.23
C SER A 71 -7.43 0.94 -7.35
N SER A 72 -7.07 2.21 -7.18
CA SER A 72 -6.01 2.57 -6.25
C SER A 72 -6.05 4.05 -5.91
N VAL A 73 -5.53 4.41 -4.74
CA VAL A 73 -5.30 5.81 -4.36
C VAL A 73 -3.93 5.96 -3.73
N ALA A 74 -3.28 7.11 -3.90
CA ALA A 74 -2.02 7.40 -3.23
C ALA A 74 -1.78 8.89 -3.13
N TRP A 75 -1.53 9.36 -1.92
CA TRP A 75 -1.21 10.76 -1.72
C TRP A 75 0.21 11.10 -2.12
N ILE A 76 0.37 12.25 -2.75
CA ILE A 76 1.69 12.85 -2.94
C ILE A 76 2.27 13.19 -1.58
N LYS A 77 3.59 13.31 -1.52
CA LYS A 77 4.26 13.53 -0.24
C LYS A 77 3.66 14.65 0.61
N GLU A 78 3.39 15.80 0.01
CA GLU A 78 2.88 16.97 0.76
C GLU A 78 1.40 16.92 1.09
N GLY A 79 0.69 15.91 0.57
CA GLY A 79 -0.69 15.72 0.95
C GLY A 79 -1.71 16.59 0.23
N ASN A 80 -1.29 17.33 -0.80
CA ASN A 80 -2.21 18.28 -1.45
C ASN A 80 -2.77 17.80 -2.81
N TYR A 81 -2.18 16.72 -3.31
CA TYR A 81 -2.64 16.06 -4.51
C TYR A 81 -2.80 14.58 -4.23
N LEU A 82 -3.81 14.00 -4.86
CA LEU A 82 -4.10 12.57 -4.74
C LEU A 82 -4.06 11.93 -6.11
N ALA A 83 -3.29 10.86 -6.24
CA ALA A 83 -3.33 10.01 -7.43
C ALA A 83 -4.43 8.96 -7.26
N VAL A 84 -5.17 8.72 -8.33
CA VAL A 84 -6.30 7.80 -8.33
C VAL A 84 -6.21 6.92 -9.56
N GLY A 85 -5.97 5.64 -9.38
CA GLY A 85 -5.98 4.70 -10.49
C GLY A 85 -7.36 4.11 -10.68
N THR A 86 -7.70 3.79 -11.93
CA THR A 86 -9.05 3.35 -12.22
C THR A 86 -9.13 2.06 -13.01
N SER A 87 -10.33 1.49 -12.98
CA SER A 87 -10.63 0.28 -13.74
C SER A 87 -10.51 0.51 -15.25
N SER A 88 -10.59 1.77 -15.69
CA SER A 88 -10.49 2.13 -17.10
C SER A 88 -9.03 2.43 -17.47
N ALA A 89 -8.10 1.99 -16.63
CA ALA A 89 -6.67 2.09 -16.93
C ALA A 89 -6.14 3.53 -16.91
N GLU A 90 -6.79 4.39 -16.13
CA GLU A 90 -6.36 5.78 -15.98
C GLU A 90 -5.61 5.97 -14.69
N VAL A 91 -4.69 6.93 -14.70
CA VAL A 91 -4.03 7.41 -13.51
C VAL A 91 -4.38 8.88 -13.43
N GLN A 92 -5.32 9.22 -12.55
CA GLN A 92 -5.79 10.59 -12.41
C GLN A 92 -5.03 11.31 -11.32
N LEU A 93 -4.84 12.60 -11.50
CA LEU A 93 -4.21 13.42 -10.50
C LEU A 93 -5.19 14.50 -10.09
N TRP A 94 -5.52 14.54 -8.81
CA TRP A 94 -6.51 15.47 -8.27
C TRP A 94 -5.91 16.49 -7.29
N ASP A 95 -6.26 17.76 -7.47
CA ASP A 95 -6.01 18.81 -6.49
C ASP A 95 -7.17 18.72 -5.49
N VAL A 96 -6.89 18.28 -4.26
CA VAL A 96 -7.98 17.99 -3.33
C VAL A 96 -8.63 19.23 -2.71
N GLN A 97 -7.87 20.31 -2.55
CA GLN A 97 -8.45 21.53 -1.99
C GLN A 97 -9.37 22.18 -3.00
N GLN A 98 -8.96 22.24 -4.26
CA GLN A 98 -9.79 22.82 -5.31
C GLN A 98 -10.82 21.83 -5.83
N GLN A 99 -10.68 20.58 -5.44
CA GLN A 99 -11.54 19.50 -5.93
C GLN A 99 -11.57 19.49 -7.46
N LYS A 100 -10.39 19.46 -8.07
CA LYS A 100 -10.32 19.47 -9.51
C LYS A 100 -9.33 18.44 -10.03
N ARG A 101 -9.71 17.79 -11.12
CA ARG A 101 -8.85 16.83 -11.78
C ARG A 101 -7.86 17.54 -12.69
N LEU A 102 -6.59 17.48 -12.33
CA LEU A 102 -5.53 18.11 -13.10
C LEU A 102 -5.12 17.28 -14.33
N ARG A 103 -5.11 15.97 -14.18
CA ARG A 103 -4.71 15.08 -15.27
C ARG A 103 -5.51 13.80 -15.24
N ASN A 104 -5.71 13.22 -16.42
CA ASN A 104 -6.27 11.89 -16.58
C ASN A 104 -5.32 11.12 -17.48
N MET A 105 -4.28 10.55 -16.90
CA MET A 105 -3.16 9.98 -17.65
C MET A 105 -3.46 8.57 -18.09
N THR A 106 -3.32 8.31 -19.38
CA THR A 106 -3.50 6.98 -19.91
C THR A 106 -2.15 6.49 -20.42
N SER A 107 -1.97 5.18 -20.36
CA SER A 107 -0.79 4.49 -20.84
C SER A 107 -0.95 3.00 -20.67
N HIS A 108 -1.57 2.59 -19.56
CA HIS A 108 -1.71 1.17 -19.28
C HIS A 108 -2.81 0.50 -20.10
N SER A 109 -2.80 -0.83 -20.14
CA SER A 109 -3.79 -1.57 -20.92
C SER A 109 -4.86 -2.23 -20.04
N ALA A 110 -4.77 -2.09 -18.72
CA ALA A 110 -5.72 -2.72 -17.79
C ALA A 110 -5.73 -1.90 -16.51
N ARG A 111 -6.60 -2.26 -15.57
CA ARG A 111 -6.80 -1.46 -14.36
C ARG A 111 -5.49 -1.19 -13.64
N VAL A 112 -5.47 -0.05 -12.96
CA VAL A 112 -4.29 0.39 -12.21
C VAL A 112 -4.58 0.19 -10.72
N GLY A 113 -4.07 -0.91 -10.20
CA GLY A 113 -4.36 -1.33 -8.83
C GLY A 113 -3.35 -0.93 -7.79
N SER A 114 -2.19 -0.42 -8.22
CA SER A 114 -1.16 0.02 -7.27
C SER A 114 -0.47 1.30 -7.75
N LEU A 115 -0.06 2.11 -6.77
CA LEU A 115 0.55 3.42 -6.99
C LEU A 115 1.61 3.69 -5.93
N SER A 116 2.68 4.38 -6.31
CA SER A 116 3.66 4.88 -5.34
C SER A 116 4.38 6.10 -5.91
N TRP A 117 4.47 7.15 -5.11
CA TRP A 117 5.15 8.37 -5.50
C TRP A 117 6.62 8.37 -5.12
N ASN A 118 7.41 9.06 -5.92
CA ASN A 118 8.79 9.42 -5.59
C ASN A 118 9.01 10.84 -6.11
N SER A 119 8.81 11.82 -5.22
CA SER A 119 8.79 13.22 -5.61
C SER A 119 7.73 13.42 -6.72
N TYR A 120 8.13 14.00 -7.85
CA TYR A 120 7.19 14.29 -8.93
C TYR A 120 7.00 13.08 -9.86
N ILE A 121 7.70 11.97 -9.59
CA ILE A 121 7.43 10.74 -10.31
C ILE A 121 6.34 9.96 -9.60
N LEU A 122 5.31 9.62 -10.33
CA LEU A 122 4.28 8.70 -9.85
C LEU A 122 4.45 7.39 -10.59
N SER A 123 4.59 6.31 -9.85
CA SER A 123 4.69 4.99 -10.44
C SER A 123 3.38 4.25 -10.28
N SER A 124 2.98 3.58 -11.35
CA SER A 124 1.70 2.89 -11.39
C SER A 124 1.88 1.44 -11.80
N GLY A 125 1.16 0.55 -11.14
CA GLY A 125 1.16 -0.88 -11.46
C GLY A 125 -0.21 -1.31 -11.93
N SER A 126 -0.24 -2.22 -12.89
CA SER A 126 -1.47 -2.63 -13.56
C SER A 126 -1.71 -4.14 -13.49
N ARG A 127 -2.97 -4.51 -13.73
CA ARG A 127 -3.33 -5.91 -13.86
C ARG A 127 -2.59 -6.57 -15.02
N SER A 128 -2.15 -5.76 -15.98
CA SER A 128 -1.34 -6.26 -17.10
C SER A 128 0.01 -6.82 -16.69
N GLY A 129 0.50 -6.46 -15.51
CA GLY A 129 1.83 -6.86 -15.08
C GLY A 129 2.88 -5.78 -15.23
N HIS A 130 2.55 -4.70 -15.95
CA HIS A 130 3.52 -3.64 -16.19
C HIS A 130 3.46 -2.56 -15.13
N ILE A 131 4.58 -1.88 -14.97
CA ILE A 131 4.72 -0.72 -14.10
C ILE A 131 5.14 0.43 -14.99
N HIS A 132 4.50 1.58 -14.86
CA HIS A 132 4.88 2.79 -15.59
C HIS A 132 5.34 3.87 -14.64
N HIS A 133 6.37 4.61 -15.03
CA HIS A 133 6.73 5.84 -14.35
C HIS A 133 6.12 7.02 -15.10
N HIS A 134 5.46 7.90 -14.35
CA HIS A 134 4.82 9.11 -14.87
C HIS A 134 5.51 10.32 -14.29
N ASP A 135 6.05 11.18 -15.16
CA ASP A 135 6.52 12.50 -14.74
C ASP A 135 5.32 13.40 -14.85
N VAL A 136 4.71 13.68 -13.72
CA VAL A 136 3.40 14.33 -13.71
C VAL A 136 3.50 15.78 -14.14
N ARG A 137 4.72 16.31 -14.28
CA ARG A 137 4.91 17.72 -14.62
C ARG A 137 4.89 18.01 -16.10
N VAL A 138 5.00 16.99 -16.93
CA VAL A 138 5.23 17.19 -18.37
C VAL A 138 4.15 16.58 -19.25
N ALA A 139 4.04 17.07 -20.47
CA ALA A 139 2.96 16.69 -21.36
C ALA A 139 2.95 15.20 -21.61
N GLU A 140 4.07 14.65 -22.04
CA GLU A 140 4.16 13.21 -22.24
C GLU A 140 4.64 12.57 -20.95
N HIS A 141 3.67 12.25 -20.10
CA HIS A 141 3.97 11.81 -18.74
C HIS A 141 4.68 10.46 -18.68
N HIS A 142 4.45 9.60 -19.67
CA HIS A 142 4.91 8.22 -19.55
C HIS A 142 6.39 8.14 -19.94
N VAL A 143 7.26 8.07 -18.94
CA VAL A 143 8.71 8.19 -19.16
C VAL A 143 9.49 6.88 -19.01
N ALA A 144 8.86 5.83 -18.48
CA ALA A 144 9.52 4.53 -18.38
C ALA A 144 8.49 3.43 -18.22
N THR A 145 8.87 2.23 -18.64
CA THR A 145 8.10 1.01 -18.44
C THR A 145 9.02 -0.03 -17.83
N LEU A 146 8.57 -0.60 -16.72
CA LEU A 146 9.27 -1.63 -15.99
C LEU A 146 8.42 -2.88 -16.07
N SER A 147 8.95 -3.92 -16.70
CA SER A 147 8.17 -5.11 -17.03
C SER A 147 8.79 -6.36 -16.42
N GLY A 148 8.32 -6.75 -15.23
CA GLY A 148 8.87 -7.88 -14.52
C GLY A 148 7.84 -8.79 -13.90
N HIS A 149 6.57 -8.58 -14.23
CA HIS A 149 5.48 -9.41 -13.71
C HIS A 149 4.61 -9.92 -14.85
N SER A 150 4.10 -11.15 -14.69
CA SER A 150 3.19 -11.76 -15.67
C SER A 150 1.75 -11.79 -15.20
N GLN A 151 1.52 -11.23 -14.01
CA GLN A 151 0.19 -11.12 -13.42
C GLN A 151 0.11 -9.76 -12.74
N GLU A 152 -1.02 -9.47 -12.11
CA GLU A 152 -1.28 -8.14 -11.58
C GLU A 152 -0.24 -7.66 -10.57
N VAL A 153 0.17 -6.41 -10.74
CA VAL A 153 1.03 -5.73 -9.77
C VAL A 153 0.16 -5.18 -8.66
N CYS A 154 0.17 -5.87 -7.53
CA CYS A 154 -0.70 -5.53 -6.39
C CYS A 154 0.03 -4.85 -5.23
N GLY A 155 1.36 -4.84 -5.24
CA GLY A 155 2.12 -4.08 -4.26
C GLY A 155 3.16 -3.23 -5.00
N LEU A 156 3.28 -1.95 -4.67
CA LEU A 156 4.20 -1.05 -5.34
C LEU A 156 4.66 -0.01 -4.34
N ARG A 157 5.96 0.10 -4.11
CA ARG A 157 6.42 0.94 -3.01
C ARG A 157 7.85 1.43 -3.26
N TRP A 158 8.00 2.74 -3.45
CA TRP A 158 9.30 3.37 -3.45
C TRP A 158 9.92 3.35 -2.06
N ALA A 159 11.22 3.12 -1.99
CA ALA A 159 11.92 3.22 -0.70
C ALA A 159 11.93 4.68 -0.25
N PRO A 160 11.95 4.90 1.09
CA PRO A 160 12.01 6.26 1.61
C PRO A 160 13.15 7.11 1.07
N ASP A 161 14.29 6.51 0.77
CA ASP A 161 15.46 7.25 0.26
C ASP A 161 15.47 7.35 -1.26
N GLY A 162 14.44 6.84 -1.93
CA GLY A 162 14.35 6.92 -3.37
C GLY A 162 15.32 6.04 -4.15
N ARG A 163 16.06 5.17 -3.47
CA ARG A 163 17.11 4.43 -4.18
C ARG A 163 16.65 3.12 -4.82
N HIS A 164 15.47 2.65 -4.42
CA HIS A 164 14.88 1.44 -4.97
C HIS A 164 13.37 1.56 -5.00
N LEU A 165 12.78 0.79 -5.91
CA LEU A 165 11.34 0.61 -5.99
C LEU A 165 11.07 -0.89 -5.87
N ALA A 166 10.19 -1.30 -4.98
CA ALA A 166 9.81 -2.70 -4.86
C ALA A 166 8.41 -2.90 -5.40
N SER A 167 8.21 -4.05 -6.04
CA SER A 167 6.91 -4.46 -6.51
C SER A 167 6.62 -5.90 -6.15
N GLY A 168 5.35 -6.18 -5.90
CA GLY A 168 4.87 -7.51 -5.62
C GLY A 168 3.71 -7.81 -6.51
N GLY A 169 3.61 -9.06 -6.93
CA GLY A 169 2.60 -9.44 -7.89
C GLY A 169 1.80 -10.67 -7.56
N ASN A 170 0.72 -10.84 -8.31
CA ASN A 170 -0.09 -12.06 -8.29
C ASN A 170 0.57 -13.21 -9.06
N ASP A 171 1.80 -12.99 -9.52
CA ASP A 171 2.66 -14.05 -10.05
C ASP A 171 3.62 -14.58 -8.99
N ASN A 172 3.41 -14.15 -7.75
CA ASN A 172 4.17 -14.63 -6.61
C ASN A 172 5.63 -14.15 -6.66
N LEU A 173 5.89 -13.04 -7.34
CA LEU A 173 7.22 -12.48 -7.41
C LEU A 173 7.32 -11.17 -6.66
N VAL A 174 8.50 -10.92 -6.11
CA VAL A 174 8.91 -9.60 -5.66
C VAL A 174 10.03 -9.16 -6.59
N ASN A 175 9.90 -7.97 -7.16
CA ASN A 175 11.00 -7.36 -7.87
C ASN A 175 11.51 -6.15 -7.12
N VAL A 176 12.82 -5.98 -7.10
CA VAL A 176 13.44 -4.74 -6.62
C VAL A 176 14.07 -4.08 -7.82
N TRP A 177 13.60 -2.88 -8.12
CA TRP A 177 14.01 -2.13 -9.27
C TRP A 177 14.97 -1.03 -8.87
N PRO A 178 15.92 -0.70 -9.76
CA PRO A 178 16.75 0.47 -9.52
C PRO A 178 15.91 1.73 -9.66
N SER A 179 16.45 2.86 -9.22
CA SER A 179 15.73 4.10 -9.31
C SER A 179 15.81 4.78 -10.68
N ALA A 180 16.75 4.33 -11.52
CA ALA A 180 16.96 4.85 -12.86
C ALA A 180 17.64 3.75 -13.63
N PRO A 181 17.65 3.83 -14.97
CA PRO A 181 18.32 2.79 -15.75
C PRO A 181 19.80 2.70 -15.37
N GLY A 182 20.30 1.49 -15.33
CA GLY A 182 21.71 1.27 -15.02
C GLY A 182 22.40 0.45 -16.09
N GLU A 183 23.39 -0.31 -15.68
CA GLU A 183 24.18 -1.10 -16.63
C GLU A 183 23.29 -2.11 -17.36
N GLY A 184 22.22 -2.54 -16.72
CA GLY A 184 21.28 -3.48 -17.32
C GLY A 184 19.98 -2.86 -17.78
N GLY A 185 19.95 -1.56 -17.95
CA GLY A 185 18.71 -0.90 -18.35
C GLY A 185 17.71 -0.96 -17.22
N TRP A 186 16.47 -1.26 -17.56
CA TRP A 186 15.37 -1.37 -16.60
C TRP A 186 15.07 -2.82 -16.31
N VAL A 187 16.06 -3.55 -15.84
CA VAL A 187 15.83 -4.88 -15.35
C VAL A 187 15.94 -4.83 -13.83
N PRO A 188 15.27 -5.75 -13.15
CA PRO A 188 15.34 -5.75 -11.70
C PRO A 188 16.75 -5.99 -11.16
N LEU A 189 17.06 -5.35 -10.05
CA LEU A 189 18.25 -5.66 -9.28
C LEU A 189 18.11 -6.98 -8.50
N GLN A 190 16.89 -7.31 -8.09
CA GLN A 190 16.59 -8.59 -7.46
C GLN A 190 15.22 -9.05 -7.90
N THR A 191 15.04 -10.36 -8.00
CA THR A 191 13.74 -10.96 -8.15
C THR A 191 13.65 -12.12 -7.17
N PHE A 192 12.77 -11.98 -6.18
CA PHE A 192 12.61 -13.00 -5.14
C PHE A 192 11.41 -13.87 -5.45
N THR A 193 11.63 -15.18 -5.49
CA THR A 193 10.60 -16.13 -5.87
C THR A 193 10.07 -16.98 -4.71
N GLN A 194 10.56 -16.78 -3.50
CA GLN A 194 10.21 -17.71 -2.44
C GLN A 194 8.78 -17.64 -1.95
N HIS A 195 8.07 -16.52 -2.09
CA HIS A 195 6.67 -16.52 -1.70
C HIS A 195 5.90 -17.39 -2.70
N GLN A 196 5.03 -18.23 -2.19
CA GLN A 196 4.23 -19.12 -3.04
C GLN A 196 2.79 -18.68 -3.14
N GLY A 197 2.55 -17.38 -3.09
CA GLY A 197 1.23 -16.80 -3.22
C GLY A 197 1.41 -15.33 -3.52
N ALA A 198 0.30 -14.66 -3.77
CA ALA A 198 0.34 -13.28 -4.23
C ALA A 198 1.06 -12.42 -3.21
N VAL A 199 1.85 -11.46 -3.68
CA VAL A 199 2.59 -10.59 -2.79
C VAL A 199 2.03 -9.17 -2.88
N LYS A 200 1.06 -8.86 -2.03
CA LYS A 200 0.52 -7.52 -1.94
C LYS A 200 1.28 -6.69 -0.90
N ALA A 201 1.77 -7.35 0.15
CA ALA A 201 2.40 -6.65 1.25
C ALA A 201 3.85 -6.35 0.89
N VAL A 202 4.19 -5.06 0.90
CA VAL A 202 5.49 -4.57 0.49
C VAL A 202 5.75 -3.30 1.27
N ALA A 203 6.80 -3.26 2.07
CA ALA A 203 7.08 -2.07 2.90
C ALA A 203 8.54 -2.01 3.28
N TRP A 204 9.11 -0.82 3.23
CA TRP A 204 10.54 -0.58 3.50
C TRP A 204 10.81 -0.19 4.95
N CYS A 205 11.90 -0.70 5.49
CA CYS A 205 12.30 -0.30 6.84
C CYS A 205 12.75 1.16 6.90
N PRO A 206 12.11 1.96 7.75
CA PRO A 206 12.47 3.40 7.79
C PRO A 206 13.87 3.65 8.36
N TRP A 207 14.43 2.70 9.11
CA TRP A 207 15.73 2.95 9.77
C TRP A 207 16.84 2.05 9.21
N GLN A 208 16.57 1.33 8.13
CA GLN A 208 17.56 0.52 7.40
C GLN A 208 17.28 0.62 5.92
N SER A 209 18.08 1.39 5.20
CA SER A 209 17.75 1.80 3.83
C SER A 209 17.49 0.65 2.84
N ASN A 210 18.22 -0.44 3.00
CA ASN A 210 18.16 -1.55 2.06
C ASN A 210 17.31 -2.72 2.55
N VAL A 211 16.55 -2.52 3.63
CA VAL A 211 15.76 -3.62 4.19
C VAL A 211 14.30 -3.46 3.81
N LEU A 212 13.76 -4.55 3.26
CA LEU A 212 12.42 -4.62 2.71
C LEU A 212 11.63 -5.75 3.38
N ALA A 213 10.35 -5.54 3.71
CA ALA A 213 9.45 -6.59 4.17
C ALA A 213 8.41 -6.88 3.10
N THR A 214 8.13 -8.15 2.85
CA THR A 214 7.09 -8.56 1.94
C THR A 214 6.23 -9.64 2.60
N GLY A 215 5.01 -9.80 2.12
CA GLY A 215 4.11 -10.81 2.65
C GLY A 215 3.27 -11.45 1.56
N GLY A 216 3.08 -12.76 1.70
CA GLY A 216 2.35 -13.54 0.71
C GLY A 216 0.94 -13.91 1.11
N GLY A 217 0.16 -14.30 0.12
CA GLY A 217 -1.26 -14.58 0.29
C GLY A 217 -1.55 -15.94 0.92
N THR A 218 -2.79 -16.40 0.69
CA THR A 218 -3.32 -17.60 1.34
C THR A 218 -2.45 -18.84 1.16
N SER A 219 -1.85 -18.99 -0.03
CA SER A 219 -1.04 -20.18 -0.32
C SER A 219 0.42 -20.04 0.13
N ASP A 220 0.73 -18.92 0.78
CA ASP A 220 2.09 -18.64 1.24
C ASP A 220 2.16 -18.38 2.74
N ARG A 221 1.45 -17.33 3.20
CA ARG A 221 1.26 -17.04 4.62
C ARG A 221 2.50 -16.58 5.37
N HIS A 222 3.54 -16.18 4.64
CA HIS A 222 4.79 -15.75 5.28
C HIS A 222 5.08 -14.29 5.11
N ILE A 223 5.74 -13.74 6.13
CA ILE A 223 6.44 -12.48 6.07
C ILE A 223 7.90 -12.76 5.82
N ARG A 224 8.48 -12.09 4.85
CA ARG A 224 9.89 -12.19 4.55
C ARG A 224 10.55 -10.84 4.65
N ILE A 225 11.75 -10.82 5.23
CA ILE A 225 12.55 -9.62 5.37
C ILE A 225 13.79 -9.82 4.52
N TRP A 226 14.13 -8.83 3.71
CA TRP A 226 15.22 -8.93 2.75
C TRP A 226 16.22 -7.81 2.90
N ASN A 227 17.48 -8.09 2.59
CA ASN A 227 18.42 -7.06 2.25
C ASN A 227 18.48 -7.02 0.72
N VAL A 228 18.11 -5.89 0.14
CA VAL A 228 17.93 -5.84 -1.30
C VAL A 228 19.25 -5.66 -2.04
N CYS A 229 20.31 -5.37 -1.31
CA CYS A 229 21.64 -5.25 -1.91
C CYS A 229 22.30 -6.62 -2.01
N SER A 230 22.31 -7.37 -0.91
CA SER A 230 22.88 -8.73 -0.96
C SER A 230 21.90 -9.73 -1.56
N GLY A 231 20.61 -9.43 -1.51
CA GLY A 231 19.57 -10.34 -1.94
C GLY A 231 19.20 -11.39 -0.92
N ALA A 232 19.79 -11.30 0.26
CA ALA A 232 19.54 -12.31 1.28
C ALA A 232 18.17 -12.13 1.92
N CYS A 233 17.53 -13.25 2.21
CA CYS A 233 16.36 -13.25 3.07
C CYS A 233 16.89 -13.30 4.49
N LEU A 234 16.65 -12.23 5.24
CA LEU A 234 17.13 -12.09 6.61
C LEU A 234 16.26 -12.85 7.61
N SER A 235 14.98 -13.01 7.28
CA SER A 235 14.03 -13.66 8.15
C SER A 235 12.80 -14.09 7.35
N ALA A 236 12.30 -15.29 7.61
CA ALA A 236 11.06 -15.78 7.03
C ALA A 236 10.21 -16.26 8.19
N VAL A 237 9.04 -15.68 8.34
CA VAL A 237 8.17 -15.95 9.48
C VAL A 237 6.83 -16.44 8.99
N ASP A 238 6.38 -17.58 9.50
CA ASP A 238 5.07 -18.12 9.19
C ASP A 238 4.01 -17.39 10.00
N ALA A 239 3.17 -16.60 9.33
CA ALA A 239 2.07 -15.90 10.00
C ALA A 239 0.79 -16.73 10.05
N HIS A 240 0.78 -17.86 9.37
CA HIS A 240 -0.36 -18.79 9.39
C HIS A 240 -1.65 -18.23 8.82
N SER A 241 -1.52 -17.16 8.04
CA SER A 241 -2.66 -16.54 7.38
C SER A 241 -2.14 -15.68 6.23
N GLN A 242 -2.98 -15.50 5.23
CA GLN A 242 -2.78 -14.50 4.18
C GLN A 242 -2.24 -13.20 4.80
N VAL A 243 -1.25 -12.60 4.14
CA VAL A 243 -0.64 -11.34 4.60
C VAL A 243 -0.91 -10.26 3.56
N CYS A 244 -1.89 -9.38 3.81
CA CYS A 244 -2.29 -8.40 2.81
C CYS A 244 -1.44 -7.15 2.82
N SER A 245 -0.84 -6.81 3.96
CA SER A 245 -0.23 -5.51 4.13
C SER A 245 0.70 -5.51 5.31
N ILE A 246 1.77 -4.75 5.22
CA ILE A 246 2.73 -4.58 6.30
C ILE A 246 3.06 -3.10 6.43
N LEU A 247 3.21 -2.63 7.66
CA LEU A 247 3.82 -1.32 7.96
C LEU A 247 4.91 -1.51 8.97
N TRP A 248 5.88 -0.60 8.95
CA TRP A 248 6.92 -0.51 9.97
C TRP A 248 6.67 0.68 10.88
N SER A 249 7.03 0.53 12.15
CA SER A 249 6.93 1.62 13.12
C SER A 249 8.23 1.81 13.88
N PRO A 250 8.80 3.03 13.79
CA PRO A 250 10.04 3.31 14.55
C PRO A 250 9.80 3.63 16.02
N HIS A 251 8.55 3.72 16.46
CA HIS A 251 8.32 4.13 17.85
C HIS A 251 8.90 3.15 18.86
N TYR A 252 8.70 1.86 18.61
CA TYR A 252 9.29 0.81 19.43
C TYR A 252 10.09 -0.19 18.57
N LYS A 253 10.26 0.15 17.30
CA LYS A 253 10.88 -0.74 16.30
C LYS A 253 10.12 -2.05 16.16
N GLU A 254 8.99 -1.92 15.47
CA GLU A 254 8.03 -2.99 15.27
C GLU A 254 7.56 -3.00 13.84
N LEU A 255 6.94 -4.12 13.48
CA LEU A 255 6.22 -4.28 12.23
C LEU A 255 4.80 -4.60 12.58
N ILE A 256 3.87 -4.19 11.74
CA ILE A 256 2.48 -4.64 11.88
C ILE A 256 2.00 -5.19 10.55
N SER A 257 1.31 -6.31 10.59
CA SER A 257 0.79 -6.98 9.41
C SER A 257 -0.70 -7.21 9.52
N GLY A 258 -1.37 -7.19 8.39
CA GLY A 258 -2.79 -7.47 8.31
C GLY A 258 -3.06 -8.81 7.65
N HIS A 259 -4.15 -9.44 8.04
CA HIS A 259 -4.40 -10.83 7.67
C HIS A 259 -5.84 -11.13 7.39
N GLY A 260 -6.04 -12.34 6.90
CA GLY A 260 -7.35 -12.86 6.56
C GLY A 260 -7.79 -14.08 7.37
N PHE A 261 -8.35 -15.05 6.68
CA PHE A 261 -8.86 -16.24 7.33
C PHE A 261 -7.78 -16.87 8.23
N ALA A 262 -8.09 -17.27 9.46
CA ALA A 262 -9.42 -17.27 10.05
C ALA A 262 -9.66 -16.11 11.01
N GLN A 263 -8.60 -15.51 11.55
CA GLN A 263 -8.76 -14.53 12.63
C GLN A 263 -9.03 -13.10 12.15
N ASN A 264 -8.83 -12.83 10.86
CA ASN A 264 -8.97 -11.49 10.27
C ASN A 264 -8.34 -10.44 11.17
N GLN A 265 -7.12 -10.73 11.61
CA GLN A 265 -6.48 -9.88 12.62
C GLN A 265 -5.27 -9.14 12.09
N LEU A 266 -4.81 -8.20 12.91
CA LEU A 266 -3.51 -7.58 12.71
C LEU A 266 -2.56 -8.14 13.73
N VAL A 267 -1.29 -8.26 13.37
CA VAL A 267 -0.27 -8.70 14.31
C VAL A 267 0.85 -7.67 14.39
N ILE A 268 1.26 -7.32 15.60
CA ILE A 268 2.42 -6.48 15.84
C ILE A 268 3.56 -7.38 16.24
N TRP A 269 4.70 -7.21 15.56
CA TRP A 269 5.91 -8.02 15.74
C TRP A 269 7.02 -7.10 16.17
N LYS A 270 7.83 -7.55 17.11
CA LYS A 270 9.03 -6.80 17.48
C LYS A 270 10.14 -7.03 16.45
N TYR A 271 10.85 -5.98 16.09
CA TYR A 271 11.95 -6.10 15.15
C TYR A 271 13.25 -5.76 15.84
N PRO A 272 14.33 -6.53 15.60
CA PRO A 272 14.51 -7.56 14.58
C PRO A 272 14.22 -9.00 14.99
N THR A 273 13.75 -9.23 16.21
CA THR A 273 13.55 -10.59 16.71
C THR A 273 12.37 -11.29 16.06
N MET A 274 11.43 -10.49 15.54
CA MET A 274 10.17 -11.01 15.00
C MET A 274 9.30 -11.77 16.00
N ALA A 275 9.47 -11.43 17.27
CA ALA A 275 8.58 -11.96 18.31
C ALA A 275 7.20 -11.29 18.21
N LYS A 276 6.13 -12.05 18.36
CA LYS A 276 4.79 -11.47 18.44
C LYS A 276 4.63 -10.62 19.67
N VAL A 277 4.12 -9.41 19.50
CA VAL A 277 3.84 -8.50 20.60
C VAL A 277 2.35 -8.41 20.92
N ALA A 278 1.51 -8.38 19.90
CA ALA A 278 0.08 -8.22 20.10
C ALA A 278 -0.68 -8.70 18.88
N GLU A 279 -1.92 -9.10 19.11
CA GLU A 279 -2.84 -9.47 18.05
C GLU A 279 -4.07 -8.60 18.18
N LEU A 280 -4.45 -7.90 17.11
CA LEU A 280 -5.55 -6.95 17.12
C LEU A 280 -6.73 -7.53 16.36
N LYS A 281 -7.73 -7.95 17.12
CA LYS A 281 -8.90 -8.62 16.60
C LYS A 281 -10.08 -7.68 16.62
N GLY A 282 -10.91 -7.78 15.60
CA GLY A 282 -12.11 -6.96 15.51
C GLY A 282 -12.77 -7.03 14.15
N HIS A 283 -11.98 -7.08 13.09
CA HIS A 283 -12.58 -7.24 11.76
C HIS A 283 -13.29 -8.58 11.65
N THR A 284 -14.35 -8.59 10.87
CA THR A 284 -15.15 -9.81 10.73
C THR A 284 -15.04 -10.45 9.36
N SER A 285 -14.26 -9.84 8.46
CA SER A 285 -13.92 -10.40 7.16
C SER A 285 -12.47 -9.99 6.88
N ARG A 286 -11.90 -10.52 5.82
CA ARG A 286 -10.46 -10.34 5.57
C ARG A 286 -10.04 -8.88 5.52
N VAL A 287 -8.89 -8.61 6.13
CA VAL A 287 -8.28 -7.29 6.02
C VAL A 287 -7.74 -7.16 4.58
N LEU A 288 -7.81 -5.94 4.06
CA LEU A 288 -7.37 -5.66 2.70
C LEU A 288 -6.11 -4.80 2.68
N SER A 289 -6.02 -3.77 3.52
CA SER A 289 -4.95 -2.78 3.46
C SER A 289 -4.73 -2.13 4.80
N LEU A 290 -3.49 -1.72 5.09
CA LEU A 290 -3.14 -0.90 6.24
C LEU A 290 -2.52 0.40 5.78
N THR A 291 -2.77 1.48 6.53
CA THR A 291 -2.10 2.75 6.29
C THR A 291 -1.87 3.44 7.63
N MET A 292 -0.78 4.19 7.73
CA MET A 292 -0.32 4.79 8.98
C MET A 292 -0.58 6.30 9.07
N SER A 293 -0.99 6.75 10.24
CA SER A 293 -1.20 8.17 10.49
C SER A 293 0.13 8.94 10.42
N PRO A 294 0.06 10.26 10.19
CA PRO A 294 1.30 11.03 10.10
C PRO A 294 2.13 11.02 11.37
N ASP A 295 1.48 10.97 12.52
CA ASP A 295 2.23 10.93 13.78
C ASP A 295 2.68 9.52 14.18
N GLY A 296 2.31 8.53 13.38
CA GLY A 296 2.76 7.17 13.59
C GLY A 296 2.03 6.40 14.67
N ALA A 297 1.11 7.01 15.39
CA ALA A 297 0.49 6.34 16.53
C ALA A 297 -0.68 5.45 16.15
N THR A 298 -1.32 5.74 15.01
CA THR A 298 -2.54 5.05 14.61
C THR A 298 -2.38 4.38 13.26
N VAL A 299 -2.87 3.15 13.18
CA VAL A 299 -2.95 2.39 11.94
C VAL A 299 -4.41 2.24 11.55
N ALA A 300 -4.75 2.59 10.32
CA ALA A 300 -6.08 2.33 9.76
C ALA A 300 -6.03 1.02 8.97
N SER A 301 -6.91 0.10 9.30
CA SER A 301 -7.09 -1.11 8.51
C SER A 301 -8.42 -1.09 7.77
N ALA A 302 -8.38 -1.27 6.45
CA ALA A 302 -9.58 -1.44 5.63
C ALA A 302 -9.84 -2.91 5.43
N ALA A 303 -11.08 -3.35 5.57
CA ALA A 303 -11.40 -4.75 5.45
C ALA A 303 -12.69 -4.98 4.66
N ALA A 304 -12.88 -6.24 4.28
CA ALA A 304 -14.04 -6.62 3.48
C ALA A 304 -15.34 -6.54 4.27
N ASP A 305 -15.26 -6.26 5.58
CA ASP A 305 -16.45 -6.06 6.41
C ASP A 305 -17.00 -4.63 6.31
N GLU A 306 -16.51 -3.86 5.34
CA GLU A 306 -17.01 -2.50 5.09
C GLU A 306 -16.80 -1.58 6.27
N THR A 307 -15.64 -1.76 6.89
CA THR A 307 -15.15 -0.82 7.88
C THR A 307 -13.68 -0.48 7.66
N LEU A 308 -13.30 0.69 8.14
CA LEU A 308 -11.93 1.03 8.46
C LEU A 308 -11.84 1.11 9.99
N ARG A 309 -10.97 0.30 10.56
CA ARG A 309 -10.73 0.36 11.98
C ARG A 309 -9.45 1.11 12.24
N LEU A 310 -9.48 2.06 13.18
CA LEU A 310 -8.34 2.91 13.50
C LEU A 310 -7.82 2.48 14.86
N TRP A 311 -6.67 1.81 14.85
CA TRP A 311 -6.04 1.25 16.04
C TRP A 311 -4.94 2.18 16.52
N ARG A 312 -5.09 2.70 17.73
CA ARG A 312 -4.09 3.58 18.33
C ARG A 312 -3.11 2.70 19.06
N CYS A 313 -2.28 2.02 18.29
CA CYS A 313 -1.45 0.93 18.78
C CYS A 313 0.02 1.27 18.93
N PHE A 314 0.47 2.43 18.45
CA PHE A 314 1.88 2.80 18.56
C PHE A 314 2.07 4.13 19.32
N GLU A 315 1.12 4.51 20.15
CA GLU A 315 1.27 5.76 20.87
C GLU A 315 2.48 5.72 21.80
N LEU A 316 3.19 6.84 21.86
CA LEU A 316 4.22 7.10 22.84
C LEU A 316 3.56 7.83 24.00
N ASP A 317 3.16 7.08 25.02
CA ASP A 317 2.37 7.63 26.12
C ASP A 317 3.32 8.36 27.10
N PRO A 318 2.89 9.52 27.58
CA PRO A 318 3.72 10.30 28.51
C PRO A 318 3.78 9.70 29.90
#